data_5EZJ
#
_entry.id   5EZJ
#
_cell.length_a   64.810
_cell.length_b   72.770
_cell.length_c   109.910
_cell.angle_alpha   90.00
_cell.angle_beta   90.00
_cell.angle_gamma   90.00
#
_symmetry.space_group_name_H-M   'P 21 21 21'
#
loop_
_entity.id
_entity.type
_entity.pdbx_description
1 polymer 'Fab c12 heavy chain'
2 polymer 'Fab c12 Light chain'
3 branched beta-D-mannopyranose-(1-4)-2-acetamido-2-deoxy-beta-D-glucopyranose-(1-4)-[alpha-L-fucopyranose-(1-6)]2-acetamido-2-deoxy-beta-D-glucopyranose
4 water water
#
loop_
_entity_poly.entity_id
_entity_poly.type
_entity_poly.pdbx_seq_one_letter_code
_entity_poly.pdbx_strand_id
1 'polypeptide(L)'
;NVNLLESGGGLVQPGGSLNLSCAASGFDFSRYWMSWARQAPGKGQEWIGEINPGSSTIKYTPSLKDKFIISRDNAKNTLY
LQMSKVSSEDTALYYCARYGSYVYAMDYWGPGTSVTVSSAKTTAPSVYPLAPVCGATTGSSVTLGCLVKGYFPEPVTLTW
NSGSLSSGVHTFPAVLQSDLYTLSSSVTVTSSTWPSQSITCNVAHPASSTKVDKKIEPRGPT
;
A
2 'polypeptide(L)'
;SIVMTQTPKFLLVSAGDRITITCKASQSVRNDVAWYQQKPGQSPKLLIYFASNRYTGVPDRFTGSGSGTDFTFTISTVQA
EDLAVYFCQQGYTSPRTFGGGTKLEIKRADAAPTVSIFPPSSEQLTSGGASVVCFLNNFYPKDINVKWKIDGSERQNGVL
NSWTDQDSKDSTYSMSSTLTLTKDEYERHNSYTCEATHKTSTSPIVKSFNRNE
;
B
#
loop_
_chem_comp.id
_chem_comp.type
_chem_comp.name
_chem_comp.formula
BMA D-saccharide, beta linking beta-D-mannopyranose 'C6 H12 O6'
FUC L-saccharide, alpha linking alpha-L-fucopyranose 'C6 H12 O5'
NAG D-saccharide, beta linking 2-acetamido-2-deoxy-beta-D-glucopyranose 'C8 H15 N O6'
#
# COMPACT_ATOMS: atom_id res chain seq x y z
N ASN A 1 -6.86 15.97 19.63
CA ASN A 1 -6.42 14.60 19.41
C ASN A 1 -7.57 13.74 18.86
N VAL A 2 -8.25 14.22 17.82
CA VAL A 2 -9.27 13.42 17.16
C VAL A 2 -8.67 12.11 16.72
N ASN A 3 -9.36 11.01 17.01
CA ASN A 3 -8.86 9.70 16.71
C ASN A 3 -10.02 8.81 16.33
N LEU A 4 -9.80 8.00 15.30
CA LEU A 4 -10.69 6.92 14.88
C LEU A 4 -9.86 5.65 14.75
N LEU A 5 -10.37 4.53 15.22
CA LEU A 5 -9.63 3.27 15.13
C LEU A 5 -10.62 2.18 14.78
N GLU A 6 -10.50 1.67 13.55
CA GLU A 6 -11.33 0.56 13.08
C GLU A 6 -10.79 -0.76 13.57
N SER A 7 -11.69 -1.72 13.71
CA SER A 7 -11.28 -3.08 14.00
C SER A 7 -12.37 -4.01 13.50
N GLY A 8 -12.05 -5.31 13.52
CA GLY A 8 -12.97 -6.35 13.11
C GLY A 8 -12.71 -6.92 11.74
N GLY A 9 -11.82 -6.31 10.97
CA GLY A 9 -11.48 -6.84 9.66
C GLY A 9 -10.76 -8.18 9.78
N GLY A 10 -10.90 -8.97 8.72
CA GLY A 10 -10.23 -10.24 8.65
C GLY A 10 -10.78 -11.04 7.48
N LEU A 11 -10.59 -12.35 7.56
CA LEU A 11 -11.01 -13.24 6.49
C LEU A 11 -12.43 -13.68 6.75
N VAL A 12 -13.29 -13.58 5.74
CA VAL A 12 -14.66 -14.06 5.86
C VAL A 12 -15.02 -14.89 4.63
N GLN A 13 -15.83 -15.91 4.86
CA GLN A 13 -16.28 -16.81 3.81
C GLN A 13 -17.23 -16.08 2.85
N PRO A 14 -17.09 -16.30 1.53
CA PRO A 14 -18.06 -15.73 0.60
C PRO A 14 -19.49 -16.08 1.03
N GLY A 15 -20.38 -15.11 0.91
CA GLY A 15 -21.72 -15.25 1.42
C GLY A 15 -21.87 -15.02 2.91
N GLY A 16 -20.78 -14.93 3.65
CA GLY A 16 -20.84 -14.86 5.09
C GLY A 16 -21.06 -13.45 5.61
N SER A 17 -20.87 -13.31 6.92
CA SER A 17 -21.11 -12.06 7.62
C SER A 17 -19.88 -11.68 8.44
N LEU A 18 -19.74 -10.37 8.68
CA LEU A 18 -18.62 -9.82 9.44
C LEU A 18 -19.03 -8.47 10.02
N ASN A 19 -18.57 -8.16 11.23
CA ASN A 19 -18.94 -6.92 11.89
C ASN A 19 -17.71 -6.07 12.11
N LEU A 20 -17.73 -4.85 11.59
CA LEU A 20 -16.65 -3.92 11.84
C LEU A 20 -17.07 -2.92 12.90
N SER A 21 -16.08 -2.38 13.62
CA SER A 21 -16.36 -1.38 14.62
C SER A 21 -15.31 -0.28 14.49
N CYS A 22 -15.66 0.89 14.99
CA CYS A 22 -14.78 2.04 14.88
C CYS A 22 -14.91 2.83 16.18
N ALA A 23 -13.82 2.91 16.92
CA ALA A 23 -13.80 3.58 18.19
C ALA A 23 -13.41 5.03 17.94
N ALA A 24 -14.23 5.96 18.41
CA ALA A 24 -13.97 7.39 18.27
C ALA A 24 -13.50 7.97 19.61
N SER A 25 -12.54 8.88 19.54
CA SER A 25 -12.12 9.59 20.75
C SER A 25 -11.50 10.91 20.33
N GLY A 26 -11.30 11.77 21.33
CA GLY A 26 -10.77 13.09 21.10
C GLY A 26 -11.76 14.07 20.55
N PHE A 27 -13.03 13.69 20.45
CA PHE A 27 -14.12 14.61 20.13
C PHE A 27 -15.40 13.97 20.68
N ASP A 28 -16.47 14.78 20.79
CA ASP A 28 -17.76 14.27 21.26
C ASP A 28 -18.46 13.56 20.10
N PHE A 29 -18.24 12.25 20.03
CA PHE A 29 -18.80 11.42 18.98
C PHE A 29 -20.29 11.68 18.74
N SER A 30 -21.08 11.86 19.81
CA SER A 30 -22.53 12.01 19.68
C SER A 30 -22.94 13.28 18.93
N ARG A 31 -22.04 14.22 18.71
CA ARG A 31 -22.39 15.41 17.97
C ARG A 31 -22.17 15.30 16.47
N TYR A 32 -21.60 14.20 15.96
CA TYR A 32 -21.13 14.20 14.59
C TYR A 32 -21.81 13.13 13.77
N TRP A 33 -22.10 13.45 12.51
CA TRP A 33 -22.39 12.43 11.52
C TRP A 33 -21.15 11.58 11.30
N MET A 34 -21.35 10.28 11.08
CA MET A 34 -20.27 9.35 10.79
C MET A 34 -20.55 8.63 9.48
N SER A 35 -19.49 8.16 8.84
CA SER A 35 -19.65 7.47 7.57
C SER A 35 -18.67 6.32 7.49
N TRP A 36 -18.90 5.46 6.50
CA TRP A 36 -17.97 4.39 6.15
C TRP A 36 -17.67 4.51 4.66
N ALA A 37 -16.42 4.22 4.30
CA ALA A 37 -15.96 4.15 2.92
C ALA A 37 -15.04 2.95 2.79
N ARG A 38 -14.73 2.58 1.55
CA ARG A 38 -13.87 1.42 1.38
C ARG A 38 -13.08 1.57 0.11
N GLN A 39 -11.93 0.91 0.08
CA GLN A 39 -11.01 1.00 -1.05
C GLN A 39 -10.57 -0.42 -1.39
N ALA A 40 -11.13 -0.94 -2.48
CA ALA A 40 -10.74 -2.24 -2.97
C ALA A 40 -9.28 -2.19 -3.45
N PRO A 41 -8.62 -3.33 -3.58
CA PRO A 41 -7.24 -3.31 -4.05
C PRO A 41 -7.15 -2.74 -5.46
N GLY A 42 -6.33 -1.70 -5.60
CA GLY A 42 -6.08 -1.11 -6.89
C GLY A 42 -7.16 -0.18 -7.41
N LYS A 43 -8.24 0.00 -6.66
CA LYS A 43 -9.37 0.82 -7.09
C LYS A 43 -9.43 2.11 -6.27
N GLY A 44 -10.43 2.93 -6.59
CA GLY A 44 -10.61 4.18 -5.88
C GLY A 44 -11.45 4.02 -4.63
N GLN A 45 -11.55 5.11 -3.88
CA GLN A 45 -12.45 5.12 -2.72
C GLN A 45 -13.89 4.96 -3.17
N GLU A 46 -14.67 4.26 -2.36
CA GLU A 46 -16.09 4.11 -2.58
C GLU A 46 -16.82 4.40 -1.28
N TRP A 47 -17.75 5.34 -1.32
CA TRP A 47 -18.58 5.69 -0.17
C TRP A 47 -19.59 4.58 0.13
N ILE A 48 -19.69 4.20 1.40
CA ILE A 48 -20.59 3.11 1.79
C ILE A 48 -21.88 3.65 2.35
N GLY A 49 -21.79 4.61 3.27
CA GLY A 49 -23.00 5.08 3.90
C GLY A 49 -22.68 6.01 5.03
N GLU A 50 -23.74 6.57 5.60
CA GLU A 50 -23.59 7.57 6.65
C GLU A 50 -24.72 7.38 7.65
N ILE A 51 -24.56 8.02 8.79
CA ILE A 51 -25.52 7.96 9.87
C ILE A 51 -25.39 9.24 10.70
N ASN A 52 -26.54 9.84 11.02
CA ASN A 52 -26.53 11.10 11.75
C ASN A 52 -26.38 10.83 13.24
N PRO A 53 -26.17 11.88 14.04
CA PRO A 53 -25.91 11.67 15.48
C PRO A 53 -26.95 10.84 16.20
N GLY A 54 -28.23 11.02 15.91
CA GLY A 54 -29.27 10.32 16.64
C GLY A 54 -29.71 9.01 16.03
N SER A 55 -29.07 8.59 14.94
CA SER A 55 -29.38 7.35 14.23
C SER A 55 -30.73 7.39 13.53
N SER A 56 -31.34 8.55 13.38
CA SER A 56 -32.63 8.62 12.70
C SER A 56 -32.49 8.64 11.18
N THR A 57 -31.31 9.03 10.67
CA THR A 57 -31.07 9.09 9.23
C THR A 57 -29.86 8.22 8.93
N ILE A 58 -30.08 7.11 8.22
CA ILE A 58 -29.02 6.21 7.79
C ILE A 58 -29.18 6.02 6.29
N LYS A 59 -28.10 6.26 5.53
CA LYS A 59 -28.19 6.14 4.08
C LYS A 59 -27.06 5.26 3.59
N TYR A 60 -27.30 4.57 2.47
CA TYR A 60 -26.34 3.62 1.90
C TYR A 60 -26.19 3.87 0.41
N THR A 61 -25.04 3.53 -0.11
CA THR A 61 -24.98 3.41 -1.56
C THR A 61 -25.88 2.25 -1.98
N PRO A 62 -26.62 2.39 -3.08
CA PRO A 62 -27.68 1.42 -3.38
C PRO A 62 -27.23 -0.03 -3.46
N SER A 63 -26.05 -0.30 -4.05
CA SER A 63 -25.58 -1.68 -4.15
C SER A 63 -25.50 -2.35 -2.80
N LEU A 64 -25.35 -1.57 -1.73
CA LEU A 64 -25.09 -2.13 -0.41
C LEU A 64 -26.28 -2.01 0.54
N LYS A 65 -27.40 -1.42 0.10
CA LYS A 65 -28.45 -1.05 1.04
C LYS A 65 -29.15 -2.26 1.67
N ASP A 66 -29.01 -3.44 1.07
CA ASP A 66 -29.69 -4.63 1.56
C ASP A 66 -28.71 -5.67 2.11
N LYS A 67 -27.42 -5.33 2.24
CA LYS A 67 -26.47 -6.31 2.74
C LYS A 67 -25.60 -5.77 3.86
N PHE A 68 -25.39 -4.45 3.92
CA PHE A 68 -24.67 -3.79 5.00
C PHE A 68 -25.63 -2.97 5.85
N ILE A 69 -25.39 -2.93 7.16
CA ILE A 69 -26.17 -2.12 8.09
C ILE A 69 -25.19 -1.28 8.90
N ILE A 70 -25.48 0.00 9.03
CA ILE A 70 -24.69 0.93 9.82
C ILE A 70 -25.44 1.23 11.09
N SER A 71 -24.73 1.18 12.21
CA SER A 71 -25.32 1.60 13.47
C SER A 71 -24.25 2.32 14.27
N ARG A 72 -24.68 2.95 15.36
CA ARG A 72 -23.76 3.63 16.25
C ARG A 72 -24.27 3.48 17.68
N ASP A 73 -23.34 3.38 18.61
CA ASP A 73 -23.65 3.40 20.04
C ASP A 73 -22.95 4.62 20.63
N ASN A 74 -23.72 5.70 20.79
CA ASN A 74 -23.14 6.93 21.34
C ASN A 74 -22.64 6.73 22.77
N ALA A 75 -23.25 5.82 23.52
CA ALA A 75 -22.80 5.58 24.90
C ALA A 75 -21.39 4.98 24.94
N LYS A 76 -20.92 4.43 23.83
CA LYS A 76 -19.62 3.78 23.74
C LYS A 76 -18.70 4.50 22.77
N ASN A 77 -19.19 5.57 22.14
CA ASN A 77 -18.44 6.33 21.14
C ASN A 77 -17.95 5.43 20.02
N THR A 78 -18.83 4.52 19.58
CA THR A 78 -18.45 3.46 18.64
C THR A 78 -19.39 3.49 17.44
N LEU A 79 -18.82 3.42 16.25
CA LEU A 79 -19.55 3.24 15.00
C LEU A 79 -19.37 1.80 14.49
N TYR A 80 -20.43 1.25 13.89
CA TYR A 80 -20.48 -0.15 13.50
C TYR A 80 -20.86 -0.31 12.04
N LEU A 81 -20.27 -1.33 11.41
CA LEU A 81 -20.65 -1.76 10.06
C LEU A 81 -20.96 -3.26 10.11
N GLN A 82 -22.21 -3.62 9.91
CA GLN A 82 -22.63 -5.02 9.87
CA GLN A 82 -22.62 -5.02 9.88
C GLN A 82 -22.62 -5.46 8.42
N MET A 83 -21.60 -6.22 8.03
CA MET A 83 -21.49 -6.73 6.67
C MET A 83 -22.15 -8.10 6.56
N SER A 84 -22.92 -8.31 5.50
CA SER A 84 -23.56 -9.60 5.26
C SER A 84 -23.60 -9.84 3.77
N LYS A 85 -23.88 -11.09 3.39
CA LYS A 85 -23.95 -11.50 1.98
C LYS A 85 -22.70 -11.11 1.21
N VAL A 86 -21.53 -11.30 1.85
CA VAL A 86 -20.32 -10.73 1.28
C VAL A 86 -19.84 -11.58 0.12
N SER A 87 -19.22 -10.92 -0.83
CA SER A 87 -18.58 -11.52 -1.98
C SER A 87 -17.20 -10.90 -2.16
N SER A 88 -16.47 -11.44 -3.13
CA SER A 88 -15.13 -10.95 -3.43
C SER A 88 -15.14 -9.47 -3.77
N GLU A 89 -16.25 -8.93 -4.26
CA GLU A 89 -16.32 -7.49 -4.48
C GLU A 89 -16.27 -6.70 -3.19
N ASP A 90 -16.44 -7.34 -2.05
CA ASP A 90 -16.37 -6.64 -0.77
C ASP A 90 -14.99 -6.70 -0.14
N THR A 91 -14.02 -7.34 -0.80
CA THR A 91 -12.65 -7.34 -0.30
C THR A 91 -12.09 -5.94 -0.45
N ALA A 92 -11.74 -5.33 0.67
CA ALA A 92 -11.23 -3.97 0.60
C ALA A 92 -10.67 -3.58 1.95
N LEU A 93 -10.00 -2.43 1.97
CA LEU A 93 -9.76 -1.67 3.19
C LEU A 93 -10.99 -0.84 3.50
N TYR A 94 -11.48 -0.96 4.74
CA TYR A 94 -12.68 -0.27 5.17
C TYR A 94 -12.27 0.85 6.11
N TYR A 95 -12.79 2.03 5.85
CA TYR A 95 -12.45 3.24 6.59
C TYR A 95 -13.68 3.76 7.31
N CYS A 96 -13.54 4.14 8.58
CA CYS A 96 -14.60 4.97 9.14
C CYS A 96 -14.13 6.41 9.09
N ALA A 97 -15.07 7.33 8.92
CA ALA A 97 -14.70 8.71 8.78
C ALA A 97 -15.78 9.60 9.39
N ARG A 98 -15.34 10.71 9.93
CA ARG A 98 -16.23 11.69 10.55
C ARG A 98 -16.58 12.75 9.52
N TYR A 99 -17.83 13.17 9.52
CA TYR A 99 -18.19 14.37 8.77
C TYR A 99 -17.83 15.59 9.59
N GLY A 100 -17.24 16.59 8.93
CA GLY A 100 -17.07 17.88 9.57
C GLY A 100 -18.39 18.46 10.03
N SER A 101 -18.30 19.33 11.04
CA SER A 101 -19.47 20.12 11.41
C SER A 101 -19.92 20.91 10.20
N TYR A 102 -21.22 20.88 9.94
CA TYR A 102 -21.86 21.70 8.90
C TYR A 102 -21.43 21.37 7.49
N VAL A 103 -20.92 20.16 7.22
CA VAL A 103 -20.55 19.80 5.86
C VAL A 103 -20.68 18.27 5.69
N TYR A 104 -21.12 17.85 4.50
CA TYR A 104 -21.09 16.42 4.18
C TYR A 104 -19.77 16.10 3.47
N ALA A 105 -18.70 16.27 4.24
CA ALA A 105 -17.35 16.01 3.80
C ALA A 105 -16.64 15.31 4.95
N MET A 106 -15.77 14.36 4.63
CA MET A 106 -15.18 13.46 5.63
C MET A 106 -13.89 14.09 6.13
N ASP A 107 -13.98 14.79 7.26
CA ASP A 107 -12.83 15.59 7.67
C ASP A 107 -11.82 14.79 8.49
N TYR A 108 -12.15 13.59 8.94
CA TYR A 108 -11.14 12.75 9.56
C TYR A 108 -11.43 11.31 9.22
N TRP A 109 -10.42 10.59 8.76
CA TRP A 109 -10.55 9.19 8.39
C TRP A 109 -9.71 8.34 9.31
N GLY A 110 -10.24 7.17 9.69
CA GLY A 110 -9.48 6.18 10.41
C GLY A 110 -8.41 5.56 9.53
N PRO A 111 -7.53 4.77 10.13
CA PRO A 111 -6.48 4.10 9.35
C PRO A 111 -6.99 2.92 8.54
N GLY A 112 -8.15 2.39 8.85
CA GLY A 112 -8.69 1.34 8.02
C GLY A 112 -8.53 -0.05 8.62
N THR A 113 -9.42 -0.96 8.24
CA THR A 113 -9.30 -2.34 8.64
C THR A 113 -9.54 -3.20 7.41
N SER A 114 -8.66 -4.16 7.22
CA SER A 114 -8.62 -4.92 5.98
C SER A 114 -9.60 -6.10 6.05
N VAL A 115 -10.40 -6.28 5.01
CA VAL A 115 -11.34 -7.38 4.95
C VAL A 115 -11.04 -8.18 3.69
N THR A 116 -10.98 -9.50 3.83
CA THR A 116 -10.80 -10.37 2.67
C THR A 116 -11.94 -11.39 2.66
N VAL A 117 -12.64 -11.43 1.54
CA VAL A 117 -13.68 -12.42 1.31
C VAL A 117 -13.08 -13.51 0.43
N SER A 118 -12.97 -14.72 0.96
CA SER A 118 -12.29 -15.79 0.26
C SER A 118 -12.65 -17.12 0.91
N SER A 119 -12.68 -18.18 0.07
CA SER A 119 -12.79 -19.56 0.55
C SER A 119 -11.48 -20.13 1.03
N ALA A 120 -10.35 -19.49 0.70
CA ALA A 120 -9.04 -20.07 0.98
C ALA A 120 -8.75 -20.01 2.47
N LYS A 121 -7.89 -20.91 2.91
CA LYS A 121 -7.65 -21.04 4.34
C LYS A 121 -6.50 -20.13 4.79
N THR A 122 -6.62 -19.66 6.03
CA THR A 122 -5.53 -18.92 6.66
C THR A 122 -4.26 -19.76 6.70
N THR A 123 -3.14 -19.17 6.31
CA THR A 123 -1.85 -19.85 6.28
C THR A 123 -0.78 -18.88 6.76
N ALA A 124 0.04 -19.33 7.71
CA ALA A 124 1.12 -18.53 8.23
C ALA A 124 2.25 -18.44 7.21
N PRO A 125 3.04 -17.37 7.25
CA PRO A 125 4.22 -17.30 6.38
C PRO A 125 5.39 -18.09 6.93
N SER A 126 6.18 -18.66 6.01
CA SER A 126 7.57 -18.93 6.31
C SER A 126 8.34 -17.63 6.16
N VAL A 127 9.34 -17.42 7.02
CA VAL A 127 10.13 -16.20 6.99
C VAL A 127 11.59 -16.60 6.89
N TYR A 128 12.31 -15.96 5.95
CA TYR A 128 13.67 -16.36 5.65
C TYR A 128 14.59 -15.14 5.65
N PRO A 129 15.71 -15.19 6.37
CA PRO A 129 16.67 -14.08 6.28
C PRO A 129 17.55 -14.24 5.05
N LEU A 130 17.78 -13.11 4.39
CA LEU A 130 18.60 -13.07 3.17
C LEU A 130 19.88 -12.29 3.46
N ALA A 131 20.96 -13.00 3.66
CA ALA A 131 22.24 -12.36 3.86
C ALA A 131 22.92 -12.11 2.51
N PRO A 132 23.91 -11.21 2.46
CA PRO A 132 24.60 -10.97 1.18
C PRO A 132 25.27 -12.24 0.67
N VAL A 133 25.76 -12.14 -0.56
CA VAL A 133 26.49 -13.23 -1.17
C VAL A 133 27.70 -13.59 -0.31
N CYS A 134 28.19 -14.83 -0.49
CA CYS A 134 29.16 -15.42 0.43
C CYS A 134 30.42 -14.58 0.56
N GLY A 135 30.90 -14.02 -0.56
CA GLY A 135 32.05 -13.15 -0.50
C GLY A 135 31.84 -11.93 0.37
N ALA A 136 32.79 -11.65 1.27
CA ALA A 136 32.69 -10.49 2.16
C ALA A 136 32.63 -9.21 1.35
N THR A 137 31.53 -8.46 1.52
CA THR A 137 31.25 -7.33 0.65
C THR A 137 32.33 -6.27 0.75
N THR A 138 32.72 -5.73 -0.40
CA THR A 138 33.41 -4.46 -0.44
C THR A 138 32.38 -3.34 -0.28
N GLY A 139 32.85 -2.10 -0.27
CA GLY A 139 31.96 -0.97 -0.27
C GLY A 139 31.48 -0.58 1.12
N SER A 140 31.00 0.65 1.21
CA SER A 140 30.64 1.27 2.49
C SER A 140 29.33 0.76 3.06
N SER A 141 28.47 0.13 2.24
CA SER A 141 27.14 -0.21 2.69
C SER A 141 26.81 -1.66 2.34
N VAL A 142 25.80 -2.19 3.03
CA VAL A 142 25.37 -3.57 2.86
C VAL A 142 23.85 -3.59 2.78
N THR A 143 23.32 -4.37 1.84
CA THR A 143 21.89 -4.60 1.70
C THR A 143 21.54 -6.00 2.18
N LEU A 144 20.57 -6.10 3.08
CA LEU A 144 20.03 -7.35 3.60
C LEU A 144 18.58 -7.48 3.18
N GLY A 145 18.10 -8.72 3.20
CA GLY A 145 16.75 -9.01 2.77
C GLY A 145 16.04 -9.87 3.79
N CYS A 146 14.71 -9.75 3.78
CA CYS A 146 13.82 -10.60 4.56
C CYS A 146 12.73 -11.06 3.60
N LEU A 147 12.58 -12.38 3.45
CA LEU A 147 11.61 -12.97 2.55
C LEU A 147 10.46 -13.59 3.34
N VAL A 148 9.24 -13.27 2.94
CA VAL A 148 8.04 -13.71 3.66
C VAL A 148 7.18 -14.43 2.65
N LYS A 149 7.07 -15.74 2.81
CA LYS A 149 6.60 -16.60 1.73
C LYS A 149 5.38 -17.39 2.18
N GLY A 150 4.37 -17.45 1.31
CA GLY A 150 3.28 -18.40 1.42
C GLY A 150 2.29 -18.17 2.54
N TYR A 151 1.86 -16.93 2.75
CA TYR A 151 0.86 -16.61 3.75
C TYR A 151 -0.47 -16.25 3.10
N PHE A 152 -1.53 -16.40 3.88
CA PHE A 152 -2.87 -15.93 3.51
C PHE A 152 -3.68 -15.65 4.78
N PRO A 153 -4.52 -14.60 4.77
CA PRO A 153 -4.60 -13.56 3.76
C PRO A 153 -3.62 -12.45 4.09
N GLU A 154 -3.67 -11.37 3.32
CA GLU A 154 -3.09 -10.06 3.67
C GLU A 154 -3.83 -9.49 4.88
N PRO A 155 -3.14 -8.70 5.71
CA PRO A 155 -1.75 -8.34 5.54
C PRO A 155 -0.79 -8.98 6.54
N VAL A 156 0.46 -8.70 6.26
CA VAL A 156 1.59 -8.97 7.12
C VAL A 156 2.22 -7.62 7.45
N THR A 157 2.79 -7.50 8.64
CA THR A 157 3.58 -6.33 8.97
C THR A 157 5.03 -6.77 9.18
N LEU A 158 5.96 -6.02 8.60
CA LEU A 158 7.38 -6.32 8.66
C LEU A 158 8.09 -5.08 9.15
N THR A 159 8.90 -5.25 10.19
CA THR A 159 9.77 -4.18 10.67
C THR A 159 11.18 -4.72 10.75
N TRP A 160 12.12 -3.79 11.02
CA TRP A 160 13.53 -4.11 11.20
C TRP A 160 13.97 -3.62 12.57
N ASN A 161 14.57 -4.51 13.35
CA ASN A 161 15.01 -4.21 14.72
C ASN A 161 13.87 -3.57 15.50
N SER A 162 12.70 -4.22 15.44
CA SER A 162 11.49 -3.78 16.15
C SER A 162 11.06 -2.37 15.74
N GLY A 163 11.45 -1.95 14.53
CA GLY A 163 11.09 -0.64 14.02
C GLY A 163 12.09 0.47 14.30
N SER A 164 13.09 0.23 15.15
CA SER A 164 14.09 1.27 15.43
C SER A 164 15.06 1.45 14.27
N LEU A 165 14.85 0.70 13.20
CA LEU A 165 15.63 0.76 11.96
C LEU A 165 14.63 1.05 10.84
N SER A 166 14.46 2.32 10.50
CA SER A 166 13.42 2.73 9.56
C SER A 166 13.96 3.29 8.25
N SER A 167 15.14 3.88 8.27
CA SER A 167 15.75 4.41 7.06
C SER A 167 16.35 3.31 6.21
N GLY A 168 16.33 3.52 4.89
CA GLY A 168 16.92 2.54 3.99
C GLY A 168 16.13 1.27 3.86
N VAL A 169 14.86 1.30 4.22
CA VAL A 169 13.99 0.13 4.11
C VAL A 169 13.11 0.29 2.88
N HIS A 170 12.96 -0.80 2.14
CA HIS A 170 11.96 -0.92 1.09
C HIS A 170 11.20 -2.21 1.36
N THR A 171 9.90 -2.10 1.53
CA THR A 171 9.04 -3.26 1.72
C THR A 171 8.18 -3.39 0.46
N PHE A 172 8.37 -4.47 -0.24
CA PHE A 172 7.73 -4.58 -1.53
C PHE A 172 6.32 -5.17 -1.38
N PRO A 173 5.39 -4.66 -2.19
CA PRO A 173 4.00 -5.13 -2.12
C PRO A 173 3.89 -6.63 -2.28
N ALA A 174 2.94 -7.22 -1.58
CA ALA A 174 2.75 -8.65 -1.72
C ALA A 174 2.24 -9.00 -3.11
N VAL A 175 2.66 -10.15 -3.61
CA VAL A 175 2.15 -10.74 -4.83
C VAL A 175 1.41 -12.02 -4.46
N LEU A 176 0.24 -12.23 -5.06
CA LEU A 176 -0.61 -13.38 -4.77
C LEU A 176 -0.43 -14.43 -5.84
N GLN A 177 -0.27 -15.69 -5.41
CA GLN A 177 -0.17 -16.81 -6.33
C GLN A 177 -0.76 -18.03 -5.66
N SER A 178 -1.74 -18.65 -6.31
CA SER A 178 -2.34 -19.89 -5.83
C SER A 178 -2.88 -19.72 -4.41
N ASP A 179 -3.56 -18.58 -4.18
CA ASP A 179 -4.10 -18.21 -2.86
C ASP A 179 -3.01 -18.16 -1.79
N LEU A 180 -1.80 -17.74 -2.17
CA LEU A 180 -0.72 -17.50 -1.22
C LEU A 180 0.06 -16.28 -1.66
N TYR A 181 0.36 -15.40 -0.71
CA TYR A 181 1.07 -14.16 -0.95
C TYR A 181 2.55 -14.33 -0.60
N THR A 182 3.40 -13.58 -1.33
CA THR A 182 4.82 -13.48 -1.02
C THR A 182 5.24 -12.02 -1.05
N LEU A 183 6.05 -11.64 -0.06
CA LEU A 183 6.48 -10.27 0.11
C LEU A 183 7.92 -10.32 0.55
N SER A 184 8.65 -9.25 0.27
CA SER A 184 10.00 -9.16 0.79
C SER A 184 10.29 -7.72 1.18
N SER A 185 11.41 -7.54 1.85
CA SER A 185 11.80 -6.25 2.35
C SER A 185 13.32 -6.23 2.36
N SER A 186 13.90 -5.12 1.90
CA SER A 186 15.34 -4.95 1.90
C SER A 186 15.69 -3.82 2.86
N VAL A 187 16.81 -3.95 3.56
CA VAL A 187 17.33 -2.85 4.35
C VAL A 187 18.78 -2.65 3.97
N THR A 188 19.17 -1.39 3.77
CA THR A 188 20.53 -1.01 3.47
C THR A 188 21.08 -0.23 4.66
N VAL A 189 22.21 -0.68 5.21
CA VAL A 189 22.90 -0.03 6.31
C VAL A 189 24.37 0.09 5.94
N THR A 190 25.09 0.89 6.71
CA THR A 190 26.52 1.03 6.52
C THR A 190 27.24 -0.23 6.97
N SER A 191 28.35 -0.55 6.29
CA SER A 191 29.11 -1.72 6.70
C SER A 191 29.71 -1.57 8.09
N SER A 192 29.72 -0.36 8.66
CA SER A 192 30.18 -0.18 10.03
C SER A 192 29.17 -0.69 11.06
N THR A 193 27.91 -0.92 10.66
CA THR A 193 26.87 -1.36 11.59
C THR A 193 26.55 -2.84 11.48
N TRP A 194 26.91 -3.47 10.37
CA TRP A 194 26.62 -4.88 10.13
C TRP A 194 27.84 -5.48 9.42
N PRO A 195 28.27 -6.68 9.86
CA PRO A 195 27.61 -7.53 10.86
C PRO A 195 28.10 -7.33 12.29
N SER A 196 28.80 -6.23 12.59
CA SER A 196 29.29 -6.01 13.94
C SER A 196 28.16 -5.77 14.94
N GLN A 197 26.98 -5.40 14.46
CA GLN A 197 25.80 -5.21 15.28
C GLN A 197 24.63 -5.93 14.62
N SER A 198 23.69 -6.39 15.45
CA SER A 198 22.70 -7.34 14.95
C SER A 198 21.59 -6.63 14.19
N ILE A 199 21.09 -7.28 13.14
CA ILE A 199 19.90 -6.83 12.44
C ILE A 199 18.93 -8.00 12.35
N THR A 200 17.66 -7.73 12.68
CA THR A 200 16.59 -8.72 12.70
C THR A 200 15.39 -8.15 11.94
N CYS A 201 14.70 -9.00 11.18
CA CYS A 201 13.41 -8.59 10.62
C CYS A 201 12.29 -9.21 11.45
N ASN A 202 11.28 -8.41 11.75
CA ASN A 202 10.18 -8.82 12.61
C ASN A 202 8.93 -8.92 11.74
N VAL A 203 8.36 -10.11 11.67
CA VAL A 203 7.22 -10.38 10.80
C VAL A 203 6.06 -10.77 11.67
N ALA A 204 4.93 -10.06 11.51
CA ALA A 204 3.71 -10.39 12.21
C ALA A 204 2.61 -10.66 11.19
N HIS A 205 1.94 -11.79 11.34
CA HIS A 205 0.79 -12.16 10.52
C HIS A 205 -0.37 -12.36 11.50
N PRO A 206 -1.17 -11.31 11.73
CA PRO A 206 -2.20 -11.41 12.78
C PRO A 206 -3.21 -12.51 12.51
N ALA A 207 -3.59 -12.72 11.25
CA ALA A 207 -4.63 -13.68 10.95
C ALA A 207 -4.23 -15.10 11.33
N SER A 208 -2.93 -15.40 11.44
CA SER A 208 -2.50 -16.72 11.91
C SER A 208 -1.79 -16.65 13.26
N SER A 209 -2.04 -15.59 14.03
CA SER A 209 -1.44 -15.39 15.37
C SER A 209 0.06 -15.67 15.34
N THR A 210 0.70 -15.22 14.27
CA THR A 210 2.10 -15.53 13.98
C THR A 210 2.96 -14.29 14.20
N LYS A 211 4.13 -14.51 14.81
CA LYS A 211 5.05 -13.44 15.13
C LYS A 211 6.46 -14.05 15.09
N VAL A 212 7.16 -13.84 13.98
CA VAL A 212 8.41 -14.53 13.70
C VAL A 212 9.49 -13.48 13.47
N ASP A 213 10.59 -13.60 14.20
CA ASP A 213 11.75 -12.74 14.00
C ASP A 213 12.90 -13.55 13.40
N LYS A 214 13.69 -12.90 12.55
CA LYS A 214 14.84 -13.57 11.96
C LYS A 214 16.06 -12.66 12.07
N LYS A 215 17.03 -13.05 12.88
CA LYS A 215 18.31 -12.36 12.89
C LYS A 215 19.09 -12.72 11.63
N ILE A 216 19.77 -11.74 11.06
CA ILE A 216 20.49 -11.93 9.80
C ILE A 216 21.98 -11.85 10.07
N GLU A 217 22.71 -12.90 9.72
CA GLU A 217 24.15 -12.95 9.89
C GLU A 217 24.79 -13.40 8.60
N PRO A 218 26.10 -13.20 8.44
CA PRO A 218 26.76 -13.66 7.20
C PRO A 218 26.64 -15.17 7.01
N ARG A 219 26.44 -15.55 5.75
CA ARG A 219 26.40 -16.95 5.36
C ARG A 219 27.71 -17.65 5.68
N GLY A 220 27.61 -18.91 6.05
CA GLY A 220 28.78 -19.71 6.33
C GLY A 220 28.58 -20.60 7.54
N PRO A 221 29.44 -21.63 7.65
CA PRO A 221 29.38 -22.50 8.83
C PRO A 221 29.55 -21.73 10.12
N THR A 222 28.92 -22.24 11.18
CA THR A 222 28.90 -21.57 12.47
C THR A 222 29.23 -22.56 13.59
N SER B 1 -28.10 7.90 -9.38
CA SER B 1 -26.86 8.00 -8.61
C SER B 1 -25.81 8.79 -9.39
N ILE B 2 -25.13 9.72 -8.72
CA ILE B 2 -24.34 10.74 -9.42
C ILE B 2 -22.94 10.22 -9.66
N VAL B 3 -22.46 10.37 -10.89
CA VAL B 3 -21.11 9.96 -11.25
C VAL B 3 -20.20 11.18 -11.27
N MET B 4 -19.03 11.03 -10.67
CA MET B 4 -18.00 12.07 -10.65
C MET B 4 -16.89 11.61 -11.57
N THR B 5 -16.78 12.19 -12.76
CA THR B 5 -15.77 11.77 -13.71
C THR B 5 -14.55 12.65 -13.47
N GLN B 6 -13.45 12.05 -13.03
CA GLN B 6 -12.26 12.80 -12.66
C GLN B 6 -11.17 12.56 -13.68
N THR B 7 -10.54 13.64 -14.13
CA THR B 7 -9.51 13.59 -15.14
C THR B 7 -8.38 14.55 -14.74
N PRO B 8 -7.13 14.24 -15.12
CA PRO B 8 -6.76 12.99 -15.77
C PRO B 8 -6.59 11.89 -14.76
N LYS B 9 -6.51 10.64 -15.22
CA LYS B 9 -6.37 9.54 -14.29
C LYS B 9 -4.95 9.47 -13.71
N PHE B 10 -3.96 9.84 -14.50
CA PHE B 10 -2.55 9.78 -14.11
C PHE B 10 -1.89 11.08 -14.52
N LEU B 11 -0.91 11.53 -13.73
CA LEU B 11 -0.31 12.84 -13.96
C LEU B 11 1.15 12.82 -13.56
N LEU B 12 2.02 13.14 -14.52
CA LEU B 12 3.46 13.19 -14.33
C LEU B 12 3.89 14.66 -14.29
N VAL B 13 4.35 15.14 -13.13
CA VAL B 13 4.73 16.53 -12.97
C VAL B 13 6.05 16.66 -12.24
N SER B 14 6.73 17.79 -12.48
CA SER B 14 7.95 18.15 -11.79
C SER B 14 7.63 19.09 -10.64
N ALA B 15 8.48 19.06 -9.61
CA ALA B 15 8.39 20.03 -8.53
C ALA B 15 8.43 21.44 -9.09
N GLY B 16 7.51 22.29 -8.63
CA GLY B 16 7.41 23.66 -9.10
C GLY B 16 6.27 23.92 -10.05
N ASP B 17 5.59 22.88 -10.50
CA ASP B 17 4.60 23.00 -11.57
C ASP B 17 3.21 23.28 -10.99
N ARG B 18 2.45 24.08 -11.74
CA ARG B 18 1.03 24.22 -11.47
C ARG B 18 0.29 23.04 -12.12
N ILE B 19 -0.62 22.42 -11.37
CA ILE B 19 -1.41 21.33 -11.91
C ILE B 19 -2.87 21.59 -11.59
N THR B 20 -3.73 21.16 -12.50
CA THR B 20 -5.17 21.36 -12.39
C THR B 20 -5.84 20.03 -12.68
N ILE B 21 -6.61 19.54 -11.73
CA ILE B 21 -7.39 18.32 -11.85
C ILE B 21 -8.84 18.73 -12.03
N THR B 22 -9.58 17.96 -12.82
CA THR B 22 -10.96 18.27 -13.13
C THR B 22 -11.85 17.12 -12.70
N CYS B 23 -13.01 17.49 -12.15
CA CYS B 23 -14.07 16.56 -11.80
C CYS B 23 -15.33 17.06 -12.49
N LYS B 24 -16.01 16.19 -13.24
CA LYS B 24 -17.23 16.52 -13.96
C LYS B 24 -18.36 15.67 -13.39
N ALA B 25 -19.39 16.31 -12.87
CA ALA B 25 -20.51 15.60 -12.24
C ALA B 25 -21.60 15.34 -13.26
N SER B 26 -22.21 14.16 -13.18
CA SER B 26 -23.19 13.77 -14.19
C SER B 26 -24.49 14.55 -14.08
N GLN B 27 -24.72 15.21 -12.95
CA GLN B 27 -25.82 16.14 -12.80
C GLN B 27 -25.40 17.15 -11.73
N SER B 28 -26.19 18.20 -11.55
CA SER B 28 -25.76 19.29 -10.68
C SER B 28 -25.49 18.80 -9.25
N VAL B 29 -24.39 19.28 -8.66
CA VAL B 29 -24.12 19.03 -7.25
C VAL B 29 -23.91 20.35 -6.51
N ARG B 30 -24.59 21.41 -6.96
CA ARG B 30 -24.55 22.74 -6.33
C ARG B 30 -23.09 23.18 -6.19
N ASN B 31 -22.62 23.43 -4.96
CA ASN B 31 -21.22 23.79 -4.72
C ASN B 31 -20.56 22.76 -3.85
N ASP B 32 -21.12 21.55 -3.78
CA ASP B 32 -20.93 20.69 -2.61
C ASP B 32 -19.91 19.59 -2.92
N VAL B 33 -18.69 20.01 -3.21
CA VAL B 33 -17.64 19.11 -3.68
C VAL B 33 -16.46 19.23 -2.76
N ALA B 34 -15.93 18.10 -2.33
CA ALA B 34 -14.74 18.07 -1.50
C ALA B 34 -13.63 17.41 -2.29
N TRP B 35 -12.40 17.77 -1.96
CA TRP B 35 -11.22 17.13 -2.53
C TRP B 35 -10.36 16.55 -1.43
N TYR B 36 -9.88 15.34 -1.67
CA TYR B 36 -9.06 14.61 -0.73
C TYR B 36 -7.70 14.26 -1.31
N GLN B 37 -6.74 14.11 -0.41
CA GLN B 37 -5.39 13.68 -0.74
C GLN B 37 -5.08 12.40 0.02
N GLN B 38 -4.59 11.39 -0.69
CA GLN B 38 -4.26 10.10 -0.08
C GLN B 38 -2.85 9.71 -0.46
N LYS B 39 -1.91 9.91 0.47
CA LYS B 39 -0.53 9.54 0.24
C LYS B 39 -0.36 8.03 0.44
N PRO B 40 0.70 7.45 -0.11
CA PRO B 40 0.85 5.99 -0.02
C PRO B 40 0.90 5.55 1.43
N GLY B 41 0.13 4.51 1.75
CA GLY B 41 0.08 3.96 3.09
C GLY B 41 -0.61 4.81 4.14
N GLN B 42 -1.22 5.93 3.76
CA GLN B 42 -1.88 6.81 4.71
C GLN B 42 -3.36 6.91 4.34
N SER B 43 -4.18 7.31 5.33
CA SER B 43 -5.59 7.57 5.08
C SER B 43 -5.80 8.91 4.36
N PRO B 44 -6.93 9.11 3.70
CA PRO B 44 -7.15 10.38 3.00
C PRO B 44 -7.20 11.54 3.98
N LYS B 45 -6.80 12.71 3.50
CA LYS B 45 -7.00 13.94 4.23
C LYS B 45 -7.84 14.89 3.39
N LEU B 46 -8.77 15.57 4.06
CA LEU B 46 -9.60 16.57 3.44
C LEU B 46 -8.79 17.84 3.17
N LEU B 47 -8.75 18.30 1.91
CA LEU B 47 -8.11 19.56 1.56
C LEU B 47 -9.12 20.67 1.30
N ILE B 48 -10.16 20.38 0.55
CA ILE B 48 -11.10 21.38 0.03
C ILE B 48 -12.51 20.91 0.34
N TYR B 49 -13.36 21.83 0.77
CA TYR B 49 -14.78 21.51 0.95
C TYR B 49 -15.60 22.66 0.38
N PHE B 50 -16.87 22.35 0.11
CA PHE B 50 -17.77 23.26 -0.61
C PHE B 50 -17.07 23.88 -1.80
N ALA B 51 -16.25 23.05 -2.48
CA ALA B 51 -15.64 23.33 -3.77
C ALA B 51 -14.47 24.32 -3.71
N SER B 52 -14.56 25.36 -2.87
CA SER B 52 -13.60 26.44 -2.94
C SER B 52 -12.93 26.78 -1.61
N ASN B 53 -13.20 26.04 -0.52
CA ASN B 53 -12.72 26.39 0.81
C ASN B 53 -11.63 25.44 1.30
N ARG B 54 -10.50 25.99 1.72
CA ARG B 54 -9.44 25.15 2.30
C ARG B 54 -9.86 24.70 3.69
N TYR B 55 -9.72 23.41 3.97
CA TYR B 55 -9.94 22.93 5.31
C TYR B 55 -8.83 23.43 6.24
N THR B 56 -9.06 23.34 7.55
CA THR B 56 -8.15 23.93 8.51
C THR B 56 -6.74 23.38 8.36
N GLY B 57 -5.75 24.28 8.36
CA GLY B 57 -4.36 23.89 8.29
C GLY B 57 -3.85 23.49 6.92
N VAL B 58 -4.71 23.45 5.93
CA VAL B 58 -4.28 23.09 4.56
C VAL B 58 -3.48 24.26 3.97
N PRO B 59 -2.32 24.01 3.36
CA PRO B 59 -1.48 25.11 2.89
C PRO B 59 -2.05 25.79 1.65
N ASP B 60 -1.64 27.06 1.45
CA ASP B 60 -2.18 27.91 0.38
C ASP B 60 -1.97 27.34 -1.02
N ARG B 61 -1.03 26.41 -1.16
CA ARG B 61 -0.78 25.70 -2.41
C ARG B 61 -2.07 25.16 -3.04
N PHE B 62 -3.00 24.71 -2.21
CA PHE B 62 -4.15 23.94 -2.66
C PHE B 62 -5.36 24.87 -2.75
N THR B 63 -6.04 24.84 -3.90
CA THR B 63 -7.24 25.63 -4.12
C THR B 63 -8.24 24.79 -4.91
N GLY B 64 -9.48 25.24 -4.91
CA GLY B 64 -10.50 24.56 -5.69
C GLY B 64 -11.52 25.57 -6.18
N SER B 65 -12.22 25.20 -7.24
CA SER B 65 -13.24 26.07 -7.78
C SER B 65 -14.25 25.23 -8.53
N GLY B 66 -15.45 25.74 -8.65
CA GLY B 66 -16.45 25.10 -9.48
C GLY B 66 -17.81 25.17 -8.84
N SER B 67 -18.84 24.94 -9.66
CA SER B 67 -20.23 24.96 -9.23
C SER B 67 -21.04 24.29 -10.34
N GLY B 68 -22.19 23.73 -9.96
CA GLY B 68 -23.01 23.03 -10.94
C GLY B 68 -22.44 21.65 -11.21
N THR B 69 -21.76 21.48 -12.35
CA THR B 69 -21.19 20.19 -12.72
C THR B 69 -19.69 20.21 -12.97
N ASP B 70 -19.06 21.38 -13.06
CA ASP B 70 -17.66 21.49 -13.43
C ASP B 70 -16.86 21.98 -12.23
N PHE B 71 -15.88 21.18 -11.81
CA PHE B 71 -15.10 21.48 -10.60
C PHE B 71 -13.64 21.23 -10.90
N THR B 72 -12.79 22.08 -10.35
CA THR B 72 -11.36 21.91 -10.49
C THR B 72 -10.69 21.96 -9.12
N PHE B 73 -9.52 21.35 -9.08
CA PHE B 73 -8.64 21.35 -7.93
C PHE B 73 -7.25 21.68 -8.46
N THR B 74 -6.54 22.54 -7.73
CA THR B 74 -5.32 23.13 -8.25
C THR B 74 -4.25 23.11 -7.15
N ILE B 75 -3.06 22.64 -7.50
CA ILE B 75 -1.86 22.84 -6.71
C ILE B 75 -1.02 23.85 -7.48
N SER B 76 -0.82 25.04 -6.89
CA SER B 76 -0.16 26.11 -7.63
C SER B 76 1.32 25.82 -7.84
N THR B 77 1.99 25.24 -6.83
CA THR B 77 3.41 24.93 -6.92
C THR B 77 3.63 23.54 -6.35
N VAL B 78 3.70 22.52 -7.23
CA VAL B 78 3.74 21.13 -6.77
C VAL B 78 5.07 20.86 -6.06
N GLN B 79 5.00 20.22 -4.90
CA GLN B 79 6.18 19.85 -4.13
C GLN B 79 6.25 18.33 -4.03
N ALA B 80 7.48 17.83 -3.82
CA ALA B 80 7.71 16.38 -3.79
C ALA B 80 6.74 15.67 -2.83
N GLU B 81 6.54 16.23 -1.64
CA GLU B 81 5.63 15.67 -0.64
C GLU B 81 4.17 15.66 -1.08
N ASP B 82 3.83 16.29 -2.21
CA ASP B 82 2.47 16.23 -2.71
C ASP B 82 2.19 14.96 -3.50
N LEU B 83 3.18 14.08 -3.61
CA LEU B 83 3.01 12.73 -4.15
C LEU B 83 1.87 12.01 -3.46
N ALA B 84 0.80 11.71 -4.19
CA ALA B 84 -0.41 11.14 -3.61
C ALA B 84 -1.47 10.89 -4.68
N VAL B 85 -2.57 10.27 -4.28
CA VAL B 85 -3.79 10.22 -5.09
C VAL B 85 -4.73 11.31 -4.59
N TYR B 86 -5.26 12.10 -5.52
CA TYR B 86 -6.22 13.16 -5.25
C TYR B 86 -7.56 12.73 -5.82
N PHE B 87 -8.61 12.78 -4.99
CA PHE B 87 -9.93 12.45 -5.51
C PHE B 87 -10.95 13.45 -5.00
N CYS B 88 -11.96 13.69 -5.83
CA CYS B 88 -13.10 14.50 -5.45
C CYS B 88 -14.22 13.64 -4.89
N GLN B 89 -15.24 14.32 -4.39
CA GLN B 89 -16.46 13.73 -3.86
C GLN B 89 -17.52 14.79 -3.99
N GLN B 90 -18.73 14.39 -4.38
CA GLN B 90 -19.88 15.28 -4.25
C GLN B 90 -20.64 14.88 -2.99
N GLY B 91 -21.09 15.87 -2.25
CA GLY B 91 -21.84 15.64 -1.03
C GLY B 91 -23.19 16.31 -1.10
N TYR B 92 -23.64 16.62 -2.32
CA TYR B 92 -24.94 17.25 -2.50
C TYR B 92 -26.06 16.28 -2.14
N THR B 93 -26.00 15.03 -2.63
CA THR B 93 -27.04 14.07 -2.32
C THR B 93 -26.48 12.66 -2.19
N SER B 94 -27.10 11.87 -1.32
CA SER B 94 -26.70 10.49 -1.14
C SER B 94 -27.10 9.67 -2.37
N PRO B 95 -26.23 8.75 -2.83
CA PRO B 95 -24.90 8.47 -2.23
C PRO B 95 -23.85 9.48 -2.62
N ARG B 96 -22.99 9.80 -1.64
CA ARG B 96 -22.04 10.90 -1.75
C ARG B 96 -20.78 10.35 -2.42
N THR B 97 -20.87 10.21 -3.73
CA THR B 97 -19.93 9.43 -4.51
C THR B 97 -18.61 10.14 -4.72
N PHE B 98 -17.55 9.34 -4.80
CA PHE B 98 -16.19 9.80 -5.06
C PHE B 98 -15.89 9.78 -6.55
N GLY B 99 -14.98 10.65 -6.96
CA GLY B 99 -14.35 10.51 -8.26
C GLY B 99 -13.39 9.36 -8.26
N GLY B 100 -12.92 9.01 -9.46
CA GLY B 100 -12.04 7.87 -9.63
C GLY B 100 -10.61 8.10 -9.18
N GLY B 101 -10.23 9.32 -8.86
CA GLY B 101 -8.88 9.54 -8.39
C GLY B 101 -7.96 9.98 -9.52
N THR B 102 -6.93 10.73 -9.13
CA THR B 102 -5.83 11.12 -10.01
C THR B 102 -4.54 10.74 -9.30
N LYS B 103 -3.71 9.92 -9.95
CA LYS B 103 -2.43 9.52 -9.37
C LYS B 103 -1.36 10.47 -9.84
N LEU B 104 -0.76 11.17 -8.89
CA LEU B 104 0.25 12.19 -9.18
C LEU B 104 1.62 11.54 -9.03
N GLU B 105 2.45 11.68 -10.04
CA GLU B 105 3.77 11.07 -10.09
C GLU B 105 4.81 12.17 -10.25
N ILE B 106 5.88 12.08 -9.48
CA ILE B 106 6.85 13.16 -9.35
C ILE B 106 8.02 12.92 -10.29
N LYS B 107 8.25 13.87 -11.18
CA LYS B 107 9.39 13.81 -12.10
C LYS B 107 10.65 14.25 -11.36
N ARG B 108 11.64 13.38 -11.32
CA ARG B 108 12.96 13.66 -10.77
C ARG B 108 14.00 13.24 -11.80
N ALA B 109 15.27 13.38 -11.43
CA ALA B 109 16.34 13.03 -12.36
C ALA B 109 16.49 11.52 -12.48
N ASP B 110 17.01 11.08 -13.62
CA ASP B 110 17.21 9.66 -13.85
C ASP B 110 18.30 9.10 -12.93
N ALA B 111 18.05 7.94 -12.34
CA ALA B 111 19.01 7.30 -11.44
C ALA B 111 19.04 5.80 -11.70
N ALA B 112 20.24 5.24 -11.82
CA ALA B 112 20.36 3.81 -12.05
C ALA B 112 20.07 3.05 -10.76
N PRO B 113 19.58 1.81 -10.85
CA PRO B 113 19.30 1.04 -9.64
C PRO B 113 20.57 0.53 -8.99
N THR B 114 20.51 0.42 -7.67
CA THR B 114 21.48 -0.36 -6.90
C THR B 114 20.96 -1.79 -6.80
N VAL B 115 21.68 -2.72 -7.41
CA VAL B 115 21.24 -4.10 -7.54
C VAL B 115 21.96 -4.96 -6.50
N SER B 116 21.20 -5.86 -5.87
CA SER B 116 21.74 -6.80 -4.89
C SER B 116 21.08 -8.15 -5.13
N ILE B 117 21.88 -9.20 -5.30
CA ILE B 117 21.35 -10.54 -5.53
C ILE B 117 21.53 -11.35 -4.26
N PHE B 118 20.56 -12.20 -3.97
CA PHE B 118 20.57 -12.99 -2.74
C PHE B 118 20.32 -14.46 -3.06
N PRO B 119 21.27 -15.34 -2.77
CA PRO B 119 21.03 -16.79 -2.80
C PRO B 119 19.84 -17.16 -1.93
N PRO B 120 19.28 -18.34 -2.15
CA PRO B 120 18.25 -18.84 -1.23
C PRO B 120 18.77 -18.84 0.20
N SER B 121 17.93 -18.36 1.11
CA SER B 121 18.29 -18.30 2.52
C SER B 121 18.83 -19.65 2.99
N SER B 122 19.83 -19.58 3.88
CA SER B 122 20.30 -20.78 4.56
C SER B 122 19.14 -21.58 5.12
N GLU B 123 18.10 -20.88 5.57
CA GLU B 123 16.97 -21.48 6.24
C GLU B 123 15.87 -21.98 5.30
N GLN B 124 16.00 -21.77 3.98
CA GLN B 124 14.92 -22.16 3.07
C GLN B 124 15.13 -23.53 2.40
N LEU B 125 16.38 -23.86 2.05
CA LEU B 125 16.58 -25.02 1.19
C LEU B 125 16.10 -26.31 1.81
N THR B 126 16.04 -26.39 3.15
CA THR B 126 15.54 -27.61 3.79
C THR B 126 14.09 -27.88 3.39
N SER B 127 13.30 -26.84 3.15
CA SER B 127 11.90 -27.02 2.79
C SER B 127 11.71 -27.59 1.40
N GLY B 128 12.77 -27.72 0.60
CA GLY B 128 12.66 -28.19 -0.75
C GLY B 128 12.39 -27.12 -1.79
N GLY B 129 12.13 -25.88 -1.37
CA GLY B 129 11.98 -24.78 -2.30
C GLY B 129 13.18 -23.86 -2.27
N ALA B 130 13.38 -23.05 -3.31
CA ALA B 130 14.59 -22.25 -3.44
C ALA B 130 14.24 -20.95 -4.14
N SER B 131 14.30 -19.84 -3.42
CA SER B 131 13.95 -18.52 -3.96
C SER B 131 15.23 -17.70 -4.11
N VAL B 132 15.46 -17.20 -5.33
CA VAL B 132 16.60 -16.34 -5.59
C VAL B 132 16.06 -14.93 -5.78
N VAL B 133 16.56 -14.00 -4.97
CA VAL B 133 16.01 -12.66 -4.85
C VAL B 133 17.01 -11.65 -5.38
N CYS B 134 16.52 -10.75 -6.21
CA CYS B 134 17.29 -9.64 -6.74
C CYS B 134 16.55 -8.36 -6.36
N PHE B 135 17.21 -7.52 -5.58
CA PHE B 135 16.69 -6.21 -5.25
C PHE B 135 17.28 -5.17 -6.17
N LEU B 136 16.41 -4.35 -6.76
CA LEU B 136 16.81 -3.20 -7.58
C LEU B 136 16.28 -1.96 -6.89
N ASN B 137 17.17 -1.15 -6.32
CA ASN B 137 16.78 -0.13 -5.37
C ASN B 137 17.10 1.27 -5.86
N ASN B 138 16.17 2.18 -5.56
CA ASN B 138 16.36 3.63 -5.69
C ASN B 138 16.74 4.02 -7.12
N PHE B 139 15.86 3.68 -8.06
CA PHE B 139 16.07 4.03 -9.46
C PHE B 139 14.91 4.86 -10.00
N TYR B 140 15.16 5.52 -11.13
CA TYR B 140 14.15 6.33 -11.80
C TYR B 140 14.49 6.46 -13.30
N PRO B 141 13.49 6.33 -14.18
CA PRO B 141 12.08 6.16 -13.88
C PRO B 141 11.66 4.70 -13.65
N LYS B 142 10.34 4.45 -13.58
CA LYS B 142 9.82 3.21 -13.04
C LYS B 142 10.14 2.01 -13.92
N ASP B 143 10.04 2.16 -15.23
CA ASP B 143 10.17 1.01 -16.11
C ASP B 143 11.60 0.46 -16.06
N ILE B 144 11.70 -0.86 -16.03
CA ILE B 144 12.99 -1.53 -15.90
C ILE B 144 12.80 -3.00 -16.26
N ASN B 145 13.81 -3.61 -16.86
CA ASN B 145 13.72 -5.00 -17.31
C ASN B 145 14.74 -5.83 -16.54
N VAL B 146 14.27 -6.95 -16.01
CA VAL B 146 15.10 -7.87 -15.23
C VAL B 146 15.17 -9.19 -15.98
N LYS B 147 16.37 -9.63 -16.31
CA LYS B 147 16.61 -10.88 -16.99
C LYS B 147 17.40 -11.80 -16.06
N TRP B 148 16.88 -13.00 -15.83
CA TRP B 148 17.53 -14.01 -15.01
C TRP B 148 18.31 -14.97 -15.90
N LYS B 149 19.53 -15.30 -15.47
CA LYS B 149 20.38 -16.21 -16.24
C LYS B 149 20.89 -17.30 -15.32
N ILE B 150 20.61 -18.54 -15.69
CA ILE B 150 21.07 -19.72 -14.97
C ILE B 150 22.12 -20.40 -15.84
N ASP B 151 23.35 -20.47 -15.33
CA ASP B 151 24.49 -21.06 -16.04
C ASP B 151 24.74 -20.43 -17.40
N GLY B 152 24.25 -19.21 -17.62
CA GLY B 152 24.36 -18.53 -18.89
C GLY B 152 23.08 -18.47 -19.70
N SER B 153 22.12 -19.35 -19.43
CA SER B 153 20.87 -19.42 -20.16
C SER B 153 19.78 -18.62 -19.47
N GLU B 154 18.91 -18.00 -20.26
CA GLU B 154 17.83 -17.20 -19.72
C GLU B 154 16.71 -18.08 -19.17
N ARG B 155 16.06 -17.58 -18.14
CA ARG B 155 14.96 -18.25 -17.47
C ARG B 155 13.82 -17.25 -17.34
N GLN B 156 12.65 -17.59 -17.90
CA GLN B 156 11.48 -16.72 -17.80
C GLN B 156 10.39 -17.23 -16.86
N ASN B 157 10.24 -18.53 -16.73
CA ASN B 157 9.20 -19.08 -15.88
C ASN B 157 9.67 -19.10 -14.43
N GLY B 158 8.74 -18.78 -13.52
CA GLY B 158 9.05 -18.74 -12.10
C GLY B 158 9.56 -17.42 -11.58
N VAL B 159 9.61 -16.40 -12.42
CA VAL B 159 10.03 -15.04 -12.02
C VAL B 159 8.79 -14.24 -11.63
N LEU B 160 8.90 -13.45 -10.57
CA LEU B 160 7.85 -12.54 -10.15
C LEU B 160 8.48 -11.23 -9.70
N ASN B 161 7.95 -10.12 -10.20
CA ASN B 161 8.48 -8.80 -9.92
C ASN B 161 7.48 -8.01 -9.09
N SER B 162 7.99 -7.13 -8.22
CA SER B 162 7.12 -6.29 -7.39
C SER B 162 7.77 -4.93 -7.24
N TRP B 163 7.04 -3.88 -7.62
CA TRP B 163 7.54 -2.52 -7.50
C TRP B 163 6.99 -1.85 -6.24
N THR B 164 7.83 -1.05 -5.59
CA THR B 164 7.32 -0.14 -4.57
C THR B 164 6.63 1.06 -5.21
N ASP B 165 5.79 1.72 -4.42
CA ASP B 165 5.33 3.04 -4.80
C ASP B 165 6.49 4.01 -4.81
N GLN B 166 6.29 5.16 -5.44
CA GLN B 166 7.33 6.18 -5.43
C GLN B 166 7.59 6.61 -3.99
N ASP B 167 8.85 6.60 -3.60
CA ASP B 167 9.24 7.11 -2.29
C ASP B 167 8.93 8.61 -2.19
N SER B 168 8.34 9.02 -1.07
CA SER B 168 8.05 10.45 -0.89
C SER B 168 9.31 11.25 -0.58
N LYS B 169 10.39 10.59 -0.15
CA LYS B 169 11.61 11.29 0.21
C LYS B 169 12.46 11.62 -1.03
N ASP B 170 12.87 10.61 -1.79
CA ASP B 170 13.74 10.82 -2.93
C ASP B 170 13.07 10.63 -4.29
N SER B 171 11.77 10.31 -4.31
CA SER B 171 11.00 10.17 -5.54
C SER B 171 11.50 9.01 -6.42
N THR B 172 12.18 8.02 -5.84
CA THR B 172 12.66 6.88 -6.61
C THR B 172 11.71 5.70 -6.45
N TYR B 173 11.95 4.67 -7.25
CA TYR B 173 11.27 3.40 -7.16
C TYR B 173 12.26 2.30 -6.78
N SER B 174 11.70 1.22 -6.25
CA SER B 174 12.46 0.01 -5.96
C SER B 174 11.67 -1.18 -6.46
N MET B 175 12.37 -2.27 -6.71
CA MET B 175 11.77 -3.45 -7.28
C MET B 175 12.51 -4.69 -6.79
N SER B 176 11.75 -5.75 -6.55
CA SER B 176 12.29 -7.06 -6.18
C SER B 176 11.89 -8.05 -7.26
N SER B 177 12.85 -8.80 -7.76
CA SER B 177 12.60 -9.86 -8.70
C SER B 177 12.93 -11.17 -8.02
N THR B 178 11.94 -12.05 -7.91
CA THR B 178 12.09 -13.31 -7.17
C THR B 178 11.96 -14.48 -8.14
N LEU B 179 13.03 -15.25 -8.26
CA LEU B 179 13.04 -16.48 -9.05
C LEU B 179 12.83 -17.67 -8.13
N THR B 180 11.74 -18.39 -8.35
CA THR B 180 11.36 -19.51 -7.49
C THR B 180 11.65 -20.81 -8.21
N LEU B 181 12.53 -21.61 -7.63
CA LEU B 181 12.92 -22.91 -8.11
C LEU B 181 12.60 -23.94 -7.04
N THR B 182 12.66 -25.21 -7.43
CA THR B 182 12.75 -26.24 -6.40
C THR B 182 14.18 -26.32 -5.91
N LYS B 183 14.36 -26.90 -4.73
CA LYS B 183 15.71 -27.17 -4.26
C LYS B 183 16.47 -28.01 -5.27
N ASP B 184 15.81 -29.06 -5.78
CA ASP B 184 16.47 -29.95 -6.73
C ASP B 184 16.91 -29.20 -7.98
N GLU B 185 16.03 -28.40 -8.56
CA GLU B 185 16.43 -27.63 -9.73
C GLU B 185 17.52 -26.63 -9.36
N TYR B 186 17.38 -25.97 -8.21
CA TYR B 186 18.41 -25.01 -7.81
C TYR B 186 19.78 -25.67 -7.75
N GLU B 187 19.83 -26.91 -7.27
CA GLU B 187 21.09 -27.64 -7.10
C GLU B 187 21.66 -28.18 -8.40
N ARG B 188 20.88 -28.21 -9.50
CA ARG B 188 21.40 -28.73 -10.76
C ARG B 188 22.36 -27.76 -11.41
N HIS B 189 22.23 -26.47 -11.11
CA HIS B 189 22.98 -25.44 -11.80
C HIS B 189 23.81 -24.66 -10.78
N ASN B 190 24.81 -23.95 -11.28
CA ASN B 190 25.77 -23.28 -10.41
C ASN B 190 25.70 -21.77 -10.49
N SER B 191 25.71 -21.21 -11.70
CA SER B 191 25.75 -19.78 -11.89
C SER B 191 24.33 -19.21 -11.92
N TYR B 192 24.09 -18.18 -11.10
CA TYR B 192 22.82 -17.47 -11.05
C TYR B 192 23.07 -15.98 -11.19
N THR B 193 22.34 -15.34 -12.09
CA THR B 193 22.59 -13.96 -12.51
C THR B 193 21.27 -13.24 -12.70
N CYS B 194 21.19 -11.98 -12.23
CA CYS B 194 20.11 -11.08 -12.60
C CYS B 194 20.68 -9.84 -13.28
N GLU B 195 20.08 -9.48 -14.41
CA GLU B 195 20.53 -8.37 -15.24
C GLU B 195 19.45 -7.31 -15.23
N ALA B 196 19.86 -6.08 -14.98
CA ALA B 196 18.94 -4.96 -14.88
C ALA B 196 19.23 -4.02 -16.04
N THR B 197 18.36 -4.04 -17.05
CA THR B 197 18.45 -3.09 -18.14
C THR B 197 17.57 -1.91 -17.79
N HIS B 198 18.20 -0.75 -17.60
CA HIS B 198 17.50 0.48 -17.29
C HIS B 198 17.92 1.55 -18.28
N LYS B 199 17.02 2.50 -18.54
CA LYS B 199 17.31 3.50 -19.58
C LYS B 199 18.54 4.35 -19.24
N THR B 200 18.94 4.40 -17.97
CA THR B 200 20.12 5.14 -17.54
C THR B 200 21.41 4.64 -18.16
N SER B 201 21.42 3.44 -18.73
CA SER B 201 22.64 2.93 -19.35
C SER B 201 22.28 1.96 -20.46
N THR B 202 23.14 1.91 -21.48
CA THR B 202 23.05 0.84 -22.46
C THR B 202 23.49 -0.49 -21.87
N SER B 203 24.39 -0.45 -20.89
CA SER B 203 25.00 -1.66 -20.36
C SER B 203 24.19 -2.18 -19.18
N PRO B 204 23.71 -3.42 -19.22
CA PRO B 204 22.94 -3.95 -18.09
C PRO B 204 23.78 -4.01 -16.83
N ILE B 205 23.13 -3.77 -15.70
CA ILE B 205 23.74 -4.04 -14.41
C ILE B 205 23.61 -5.54 -14.13
N VAL B 206 24.72 -6.17 -13.81
CA VAL B 206 24.80 -7.63 -13.68
C VAL B 206 25.28 -7.93 -12.26
N LYS B 207 24.48 -8.71 -11.53
CA LYS B 207 24.89 -9.24 -10.23
C LYS B 207 24.76 -10.75 -10.25
N SER B 208 25.76 -11.43 -9.70
CA SER B 208 25.89 -12.87 -9.95
C SER B 208 26.47 -13.55 -8.72
N PHE B 209 26.17 -14.84 -8.60
CA PHE B 209 26.78 -15.67 -7.58
C PHE B 209 26.82 -17.11 -8.09
N ASN B 210 27.68 -17.91 -7.48
CA ASN B 210 27.78 -19.33 -7.78
C ASN B 210 27.33 -20.11 -6.55
N ARG B 211 26.50 -21.13 -6.77
CA ARG B 211 25.86 -21.82 -5.65
C ARG B 211 26.88 -22.47 -4.73
N ASN B 212 27.99 -22.96 -5.27
CA ASN B 212 29.01 -23.62 -4.45
C ASN B 212 30.10 -22.63 -4.04
N GLU B 213 29.67 -21.53 -3.42
CA GLU B 213 30.60 -20.53 -2.92
C GLU B 213 30.13 -19.98 -1.58
C1 NAG C . -23.00 -8.56 14.06
C2 NAG C . -23.05 -10.02 14.55
C3 NAG C . -24.49 -10.49 14.79
C4 NAG C . -25.30 -9.46 15.57
C5 NAG C . -25.15 -8.09 14.90
C6 NAG C . -25.90 -6.99 15.61
C7 NAG C . -21.15 -11.36 13.73
C8 NAG C . -20.65 -12.21 12.61
N2 NAG C . -22.40 -10.89 13.58
O3 NAG C . -24.44 -11.71 15.49
O4 NAG C . -26.68 -9.79 15.51
O5 NAG C . -23.76 -7.75 14.90
O6 NAG C . -25.70 -7.05 17.02
O7 NAG C . -20.48 -11.11 14.72
C1 NAG C . -27.16 -10.40 16.72
C2 NAG C . -28.65 -10.08 16.81
C3 NAG C . -29.30 -10.89 17.94
C4 NAG C . -29.02 -12.37 17.74
C5 NAG C . -27.52 -12.61 17.63
C6 NAG C . -27.17 -14.04 17.29
C7 NAG C . -29.34 -7.85 16.06
C8 NAG C . -29.54 -6.42 16.45
N2 NAG C . -28.88 -8.67 17.01
O3 NAG C . -30.70 -10.66 17.93
O4 NAG C . -29.54 -13.12 18.84
O5 NAG C . -26.98 -11.81 16.57
O6 NAG C . -25.76 -14.23 17.19
O7 NAG C . -29.60 -8.24 14.93
C1 BMA C . -30.65 -13.92 18.41
C2 BMA C . -30.75 -15.17 19.29
C3 BMA C . -31.92 -16.02 18.83
C4 BMA C . -33.22 -15.18 18.82
C5 BMA C . -33.04 -13.91 17.93
C6 BMA C . -34.25 -12.97 17.99
O2 BMA C . -31.02 -14.79 20.64
O3 BMA C . -32.08 -17.18 19.64
O4 BMA C . -34.29 -15.97 18.32
O5 BMA C . -31.88 -13.18 18.39
O6 BMA C . -34.45 -12.37 16.70
C1 FUC C . -25.58 -5.73 17.57
C2 FUC C . -25.16 -5.85 19.05
C3 FUC C . -23.68 -6.27 19.15
C4 FUC C . -22.83 -5.22 18.41
C5 FUC C . -23.28 -5.21 16.94
C6 FUC C . -22.54 -4.25 16.07
O2 FUC C . -25.99 -6.77 19.76
O3 FUC C . -23.26 -6.34 20.51
O4 FUC C . -23.06 -3.94 18.98
O5 FUC C . -24.70 -4.90 16.82
#